data_8HC8
#
_entry.id   8HC8
#
loop_
_entity.id
_entity.type
_entity.pdbx_description
1 polymer 'Spike protein S1'
2 polymer 'Heavy chain of YB13-292 Fab'
3 polymer 'Light chain of YB13-292 Fab'
4 non-polymer 2-acetamido-2-deoxy-beta-D-glucopyranose
#
loop_
_entity_poly.entity_id
_entity_poly.type
_entity_poly.pdbx_seq_one_letter_code
_entity_poly.pdbx_strand_id
1 'polypeptide(L)'
;ITNLCPFDEVFNATRFASVYAWNRKRISNCVADYSVLYNLAPFFTFKCYGVSPTKLNDLCFTNVYADSFVIRGDEVRQIA
PGQTGNIADYNYKLPDDFTGCVIAWNSNKLDSKVSGNYNYLYRLFRKSNLKPFERDISTEIYQAGNKPCNGVAGFNCYFP
LRSYSFRPTYGVGHQPYRVVVLSFEL
;
C
2 'polypeptide(L)'
;EVQLVESGGGLVKPGGSLRLSCAASGFSFITYNMNWVRQAPGKGLEWVSSISSNILSSTSYIYYADSVKGRFTISRDDAA
NSLFLQMNSLRVEDTAQYYCARTRSRSVRNCTSATCPVDAFDLWGQGTMVIVSSASTKGPSVFPLAPSSKSTSGGTAALG
CLVKDYFPEPVTVSWNSGALTSGVHTFPAVLQSSGLYSLSSVVTVPSSSLGTQTYICNVNHKPSNTKVDKKVEPKSCD
;
H
3 'polypeptide(L)'
;DIVLTQSPLSLPVTPGEPASISCRSSQSLLRSNGYNYLDWYLQKPGQSPHLLIYLGSNRASGVPDRFSGSGSGTDFTLKI
SRVEAEDVGVYYCMQALQTPYTFGQGTNLEIKRTVAAPSVFIFPPSDEQLKSGTASVVCLLNNFYPREAKVQWKVDNALQ
SGNSQESVTEQDSKDSTYSLSSTLTLSKADYEKHKVYACEVTHQGLSSPVTKSFNRGEC
;
L
#
# COMPACT_ATOMS: atom_id res chain seq x y z
N ILE A 1 32.17 26.91 -46.53
CA ILE A 1 31.09 26.59 -45.62
C ILE A 1 31.53 26.81 -44.16
N THR A 2 30.73 27.59 -43.42
CA THR A 2 31.02 27.88 -42.01
C THR A 2 29.71 27.90 -41.25
N ASN A 3 29.59 27.01 -40.27
CA ASN A 3 28.38 26.94 -39.45
C ASN A 3 28.75 26.39 -38.08
N LEU A 4 27.89 26.65 -37.11
CA LEU A 4 28.09 26.20 -35.74
C LEU A 4 27.55 24.78 -35.61
N CYS A 5 28.46 23.80 -35.51
CA CYS A 5 28.05 22.42 -35.33
C CYS A 5 27.50 22.21 -33.93
N PRO A 6 26.35 21.55 -33.77
CA PRO A 6 25.79 21.38 -32.43
C PRO A 6 26.55 20.35 -31.58
N PHE A 7 27.71 20.77 -31.07
CA PHE A 7 28.51 19.95 -30.17
C PHE A 7 28.25 20.28 -28.70
N ASP A 8 27.21 21.02 -28.40
CA ASP A 8 26.96 21.41 -27.02
C ASP A 8 25.99 20.47 -26.32
N GLU A 9 24.88 20.17 -26.97
CA GLU A 9 23.85 19.34 -26.35
C GLU A 9 24.21 17.86 -26.29
N VAL A 10 25.29 17.44 -26.95
CA VAL A 10 25.66 16.03 -26.95
C VAL A 10 26.11 15.57 -25.56
N PHE A 11 26.80 16.44 -24.79
CA PHE A 11 27.22 16.07 -23.45
C PHE A 11 26.88 17.15 -22.41
N ASN A 12 25.90 18.01 -22.70
CA ASN A 12 25.44 19.00 -21.73
C ASN A 12 23.95 18.83 -21.41
N ALA A 13 23.39 17.66 -21.68
CA ALA A 13 21.99 17.40 -21.38
C ALA A 13 21.78 17.25 -19.88
N THR A 14 20.54 17.51 -19.45
CA THR A 14 20.21 17.42 -18.03
C THR A 14 20.19 15.97 -17.56
N ARG A 15 19.64 15.07 -18.37
CA ARG A 15 19.54 13.66 -18.02
C ARG A 15 20.02 12.81 -19.19
N PHE A 16 20.87 11.84 -18.90
CA PHE A 16 21.41 10.93 -19.91
C PHE A 16 20.64 9.62 -19.92
N ALA A 17 20.89 8.83 -20.97
CA ALA A 17 20.22 7.54 -21.14
C ALA A 17 20.98 6.46 -20.37
N SER A 18 20.46 5.24 -20.44
CA SER A 18 21.05 4.11 -19.74
C SER A 18 22.22 3.55 -20.55
N VAL A 19 22.88 2.54 -19.99
CA VAL A 19 24.02 1.91 -20.66
C VAL A 19 23.55 1.10 -21.86
N TYR A 20 22.49 0.32 -21.69
CA TYR A 20 21.98 -0.51 -22.78
C TYR A 20 21.18 0.28 -23.81
N ALA A 21 20.74 1.49 -23.47
CA ALA A 21 19.88 2.28 -24.34
C ALA A 21 20.56 3.57 -24.79
N TRP A 22 21.82 3.48 -25.21
CA TRP A 22 22.56 4.65 -25.66
C TRP A 22 21.95 5.21 -26.94
N ASN A 23 21.86 6.53 -27.01
CA ASN A 23 21.25 7.22 -28.14
C ASN A 23 22.29 7.50 -29.21
N ARG A 24 21.92 7.23 -30.46
CA ARG A 24 22.80 7.44 -31.60
C ARG A 24 22.31 8.65 -32.39
N LYS A 25 23.21 9.60 -32.64
CA LYS A 25 22.89 10.82 -33.37
C LYS A 25 23.89 11.01 -34.50
N ARG A 26 23.44 11.71 -35.54
CA ARG A 26 24.24 11.96 -36.73
C ARG A 26 24.25 13.44 -37.03
N ILE A 27 25.45 13.99 -37.26
CA ILE A 27 25.63 15.39 -37.63
C ILE A 27 26.62 15.45 -38.79
N SER A 28 26.31 16.31 -39.76
CA SER A 28 27.13 16.45 -40.96
C SER A 28 27.21 17.91 -41.36
N ASN A 29 28.00 18.17 -42.41
CA ASN A 29 28.31 19.50 -42.98
C ASN A 29 28.51 20.58 -41.92
N CYS A 30 29.34 20.26 -40.94
CA CYS A 30 29.63 21.16 -39.84
C CYS A 30 31.10 21.05 -39.45
N VAL A 31 31.64 22.14 -38.92
CA VAL A 31 32.99 22.17 -38.36
C VAL A 31 32.89 22.58 -36.90
N ALA A 32 33.88 22.14 -36.12
CA ALA A 32 33.92 22.42 -34.68
C ALA A 32 35.33 22.18 -34.18
N ASP A 33 35.85 23.14 -33.42
CA ASP A 33 37.14 22.97 -32.77
C ASP A 33 36.99 22.08 -31.54
N TYR A 34 38.08 21.39 -31.19
CA TYR A 34 38.08 20.44 -30.08
C TYR A 34 38.73 21.00 -28.82
N SER A 35 38.93 22.32 -28.76
CA SER A 35 39.54 22.95 -27.60
C SER A 35 38.56 23.23 -26.48
N VAL A 36 37.27 22.98 -26.68
CA VAL A 36 36.28 23.24 -25.65
C VAL A 36 36.29 22.16 -24.58
N LEU A 37 36.88 21.00 -24.86
CA LEU A 37 36.85 19.85 -23.96
C LEU A 37 37.89 19.93 -22.84
N TYR A 38 38.49 21.09 -22.59
CA TYR A 38 39.47 21.27 -21.53
C TYR A 38 38.92 22.12 -20.38
N ASN A 39 37.60 22.34 -20.34
CA ASN A 39 37.01 23.19 -19.33
C ASN A 39 36.90 22.50 -17.97
N LEU A 40 36.66 21.20 -17.95
CA LEU A 40 36.40 20.49 -16.70
C LEU A 40 37.70 20.09 -16.03
N ALA A 41 37.81 20.42 -14.73
CA ALA A 41 38.95 19.95 -13.94
C ALA A 41 39.03 18.43 -13.77
N PRO A 42 37.92 17.68 -13.46
CA PRO A 42 38.08 16.22 -13.32
C PRO A 42 38.09 15.44 -14.64
N PHE A 43 38.35 16.14 -15.74
CA PHE A 43 38.42 15.52 -17.05
C PHE A 43 39.48 14.43 -17.10
N PHE A 44 39.12 13.27 -17.65
CA PHE A 44 40.03 12.14 -17.73
C PHE A 44 40.91 12.25 -18.97
N THR A 45 41.83 11.29 -19.11
CA THR A 45 42.71 11.26 -20.27
C THR A 45 41.94 10.87 -21.53
N PHE A 46 42.35 11.44 -22.66
CA PHE A 46 41.70 11.12 -23.93
C PHE A 46 42.00 9.69 -24.37
N LYS A 47 43.25 9.25 -24.17
CA LYS A 47 43.80 7.93 -24.54
C LYS A 47 43.30 7.44 -25.90
N CYS A 48 43.45 8.29 -26.91
CA CYS A 48 42.84 8.05 -28.20
C CYS A 48 43.69 7.11 -29.05
N TYR A 49 43.00 6.27 -29.82
CA TYR A 49 43.61 5.28 -30.70
C TYR A 49 43.56 5.77 -32.14
N GLY A 50 44.62 5.46 -32.90
CA GLY A 50 44.66 5.80 -34.31
C GLY A 50 44.96 7.25 -34.58
N VAL A 51 44.03 8.15 -34.23
CA VAL A 51 44.19 9.58 -34.44
C VAL A 51 44.55 10.24 -33.12
N SER A 52 45.62 11.04 -33.13
CA SER A 52 46.06 11.74 -31.93
C SER A 52 45.13 12.91 -31.64
N PRO A 53 44.90 13.21 -30.35
CA PRO A 53 44.09 14.40 -30.00
C PRO A 53 44.73 15.71 -30.39
N THR A 54 46.05 15.75 -30.58
CA THR A 54 46.72 16.97 -31.01
C THR A 54 46.34 17.34 -32.44
N LYS A 55 46.42 16.37 -33.36
CA LYS A 55 46.06 16.59 -34.76
C LYS A 55 44.61 16.23 -35.03
N LEU A 56 43.70 16.81 -34.24
CA LEU A 56 42.27 16.58 -34.39
C LEU A 56 41.53 17.76 -35.00
N ASN A 57 42.23 18.85 -35.31
CA ASN A 57 41.61 20.05 -35.87
C ASN A 57 41.77 20.15 -37.38
N ASP A 58 42.99 19.91 -37.88
CA ASP A 58 43.24 20.00 -39.32
C ASP A 58 42.68 18.82 -40.08
N LEU A 59 42.46 17.69 -39.43
CA LEU A 59 41.94 16.51 -40.12
C LEU A 59 40.46 16.69 -40.43
N CYS A 60 40.06 16.34 -41.64
CA CYS A 60 38.69 16.45 -42.11
C CYS A 60 38.13 15.06 -42.39
N PHE A 61 36.92 14.80 -41.89
CA PHE A 61 36.28 13.51 -42.07
C PHE A 61 34.85 13.66 -42.60
N THR A 62 34.10 12.57 -42.62
CA THR A 62 32.77 12.56 -43.23
C THR A 62 31.66 12.82 -42.22
N ASN A 63 31.56 11.98 -41.19
CA ASN A 63 30.42 12.02 -40.28
C ASN A 63 30.89 11.86 -38.84
N VAL A 64 30.00 12.18 -37.91
CA VAL A 64 30.24 12.06 -36.48
C VAL A 64 29.17 11.14 -35.90
N TYR A 65 29.60 10.07 -35.24
CA TYR A 65 28.71 9.14 -34.55
C TYR A 65 28.97 9.26 -33.06
N ALA A 66 28.03 9.87 -32.34
CA ALA A 66 28.19 10.16 -30.92
C ALA A 66 27.09 9.48 -30.12
N ASP A 67 27.50 8.71 -29.11
CA ASP A 67 26.57 8.09 -28.18
C ASP A 67 27.09 8.28 -26.76
N SER A 68 26.16 8.44 -25.81
CA SER A 68 26.52 8.75 -24.44
C SER A 68 25.80 7.83 -23.48
N PHE A 69 26.45 7.52 -22.36
CA PHE A 69 25.86 6.69 -21.32
C PHE A 69 26.55 7.01 -19.99
N VAL A 70 25.90 6.62 -18.90
CA VAL A 70 26.41 6.86 -17.56
C VAL A 70 26.76 5.52 -16.93
N ILE A 71 28.02 5.36 -16.53
CA ILE A 71 28.52 4.13 -15.93
C ILE A 71 29.20 4.48 -14.61
N ARG A 72 29.51 3.43 -13.84
CA ARG A 72 30.12 3.59 -12.53
C ARG A 72 31.64 3.70 -12.68
N GLY A 73 32.32 3.75 -11.53
CA GLY A 73 33.77 3.80 -11.53
C GLY A 73 34.41 2.47 -11.87
N ASP A 74 35.70 2.55 -12.21
CA ASP A 74 36.51 1.40 -12.66
C ASP A 74 35.85 0.72 -13.87
N GLU A 75 35.30 1.54 -14.77
CA GLU A 75 34.58 1.03 -15.93
C GLU A 75 35.00 1.68 -17.24
N VAL A 76 35.68 2.83 -17.22
CA VAL A 76 36.10 3.47 -18.45
C VAL A 76 37.27 2.75 -19.10
N ARG A 77 38.00 1.92 -18.34
CA ARG A 77 39.11 1.16 -18.91
C ARG A 77 38.63 -0.03 -19.73
N GLN A 78 37.41 -0.51 -19.52
CA GLN A 78 36.89 -1.63 -20.28
C GLN A 78 36.42 -1.24 -21.67
N ILE A 79 36.25 0.06 -21.94
CA ILE A 79 35.83 0.52 -23.25
C ILE A 79 37.06 0.55 -24.16
N ALA A 80 37.31 -0.56 -24.84
CA ALA A 80 38.48 -0.74 -25.68
C ALA A 80 38.08 -1.49 -26.94
N PRO A 81 38.84 -1.36 -28.02
CA PRO A 81 38.56 -2.20 -29.21
C PRO A 81 38.71 -3.68 -28.95
N GLY A 82 39.86 -4.10 -28.42
CA GLY A 82 40.03 -5.48 -28.01
C GLY A 82 40.00 -5.63 -26.51
N GLN A 83 38.86 -6.10 -25.98
CA GLN A 83 38.69 -6.26 -24.55
C GLN A 83 37.55 -7.23 -24.29
N THR A 84 37.54 -7.81 -23.10
CA THR A 84 36.48 -8.71 -22.67
C THR A 84 36.07 -8.35 -21.24
N GLY A 85 34.90 -8.82 -20.85
CA GLY A 85 34.37 -8.54 -19.53
C GLY A 85 32.85 -8.61 -19.55
N ASN A 86 32.26 -7.90 -18.59
CA ASN A 86 30.81 -7.90 -18.41
C ASN A 86 30.14 -6.80 -19.23
N ILE A 87 30.53 -5.54 -19.01
CA ILE A 87 29.89 -4.42 -19.70
C ILE A 87 30.33 -4.30 -21.15
N ALA A 88 31.39 -4.99 -21.55
CA ALA A 88 31.87 -4.91 -22.92
C ALA A 88 31.21 -5.93 -23.85
N ASP A 89 30.92 -7.13 -23.35
CA ASP A 89 30.34 -8.18 -24.17
C ASP A 89 28.83 -8.25 -24.07
N TYR A 90 28.20 -7.35 -23.34
CA TYR A 90 26.75 -7.42 -23.15
C TYR A 90 26.04 -6.12 -23.53
N ASN A 91 26.65 -4.97 -23.30
CA ASN A 91 26.00 -3.68 -23.53
C ASN A 91 26.61 -2.92 -24.69
N TYR A 92 27.91 -2.66 -24.66
CA TYR A 92 28.58 -1.87 -25.70
C TYR A 92 29.88 -2.55 -26.08
N LYS A 93 29.99 -2.94 -27.35
CA LYS A 93 31.19 -3.56 -27.89
C LYS A 93 31.75 -2.70 -29.01
N LEU A 94 33.08 -2.56 -29.04
CA LEU A 94 33.72 -1.76 -30.06
C LEU A 94 34.45 -2.65 -31.07
N PRO A 95 34.44 -2.27 -32.34
CA PRO A 95 35.24 -3.03 -33.33
C PRO A 95 36.73 -2.88 -33.08
N ASP A 96 37.48 -3.92 -33.48
CA ASP A 96 38.92 -3.91 -33.28
C ASP A 96 39.60 -2.89 -34.19
N ASP A 97 39.08 -2.69 -35.40
CA ASP A 97 39.63 -1.73 -36.34
C ASP A 97 38.94 -0.37 -36.28
N PHE A 98 38.14 -0.13 -35.25
CA PHE A 98 37.44 1.14 -35.11
C PHE A 98 38.42 2.25 -34.76
N THR A 99 38.29 3.38 -35.45
CA THR A 99 39.13 4.55 -35.21
C THR A 99 38.31 5.61 -34.51
N GLY A 100 38.82 6.10 -33.39
CA GLY A 100 38.15 7.06 -32.55
C GLY A 100 38.45 6.79 -31.10
N CYS A 101 37.80 7.55 -30.22
CA CYS A 101 38.03 7.39 -28.78
C CYS A 101 36.83 7.90 -28.00
N VAL A 102 36.91 7.74 -26.68
CA VAL A 102 35.83 8.08 -25.78
C VAL A 102 36.21 9.35 -25.02
N ILE A 103 35.20 9.94 -24.37
CA ILE A 103 35.38 11.11 -23.51
C ILE A 103 34.67 10.83 -22.19
N ALA A 104 35.41 10.90 -21.10
CA ALA A 104 34.87 10.57 -19.78
C ALA A 104 35.31 11.62 -18.76
N TRP A 105 34.44 11.86 -17.79
CA TRP A 105 34.74 12.77 -16.69
C TRP A 105 33.84 12.41 -15.51
N ASN A 106 34.25 12.87 -14.33
CA ASN A 106 33.49 12.59 -13.12
C ASN A 106 32.20 13.41 -13.09
N SER A 107 31.11 12.76 -12.70
CA SER A 107 29.80 13.40 -12.65
C SER A 107 29.08 13.04 -11.36
N ASN A 108 29.81 13.09 -10.23
CA ASN A 108 29.19 12.78 -8.95
C ASN A 108 28.30 13.92 -8.46
N LYS A 109 28.59 15.15 -8.86
CA LYS A 109 27.81 16.31 -8.42
C LYS A 109 26.51 16.48 -9.18
N LEU A 110 26.31 15.74 -10.27
CA LEU A 110 25.12 15.88 -11.10
C LEU A 110 24.22 14.65 -11.07
N ASP A 111 24.77 13.47 -11.39
CA ASP A 111 23.97 12.25 -11.44
C ASP A 111 23.99 11.49 -10.11
N SER A 112 23.63 12.20 -9.04
CA SER A 112 23.57 11.60 -7.71
C SER A 112 22.66 12.45 -6.84
N LYS A 113 21.75 11.80 -6.13
CA LYS A 113 20.82 12.46 -5.21
C LYS A 113 21.13 12.06 -3.78
N VAL A 114 20.44 12.71 -2.84
CA VAL A 114 20.62 12.38 -1.42
C VAL A 114 20.00 11.03 -1.08
N SER A 115 19.09 10.52 -1.91
CA SER A 115 18.52 9.19 -1.75
C SER A 115 19.16 8.25 -2.76
N GLY A 116 18.65 7.02 -2.83
CA GLY A 116 19.16 6.05 -3.77
C GLY A 116 18.72 6.39 -5.19
N ASN A 117 19.69 6.53 -6.10
CA ASN A 117 19.41 6.85 -7.50
C ASN A 117 19.49 5.58 -8.32
N TYR A 118 18.38 5.21 -8.98
CA TYR A 118 18.32 3.99 -9.77
C TYR A 118 17.78 4.24 -11.17
N ASN A 119 17.91 5.48 -11.67
CA ASN A 119 17.41 5.80 -13.00
C ASN A 119 18.29 5.24 -14.11
N TYR A 120 19.53 4.84 -13.80
CA TYR A 120 20.44 4.26 -14.77
C TYR A 120 20.50 2.76 -14.57
N LEU A 121 20.24 2.01 -15.64
CA LEU A 121 20.20 0.56 -15.59
C LEU A 121 21.15 -0.03 -16.62
N TYR A 122 21.63 -1.24 -16.32
CA TYR A 122 22.57 -1.95 -17.18
C TYR A 122 22.23 -3.43 -17.19
N ARG A 123 22.55 -4.10 -18.30
CA ARG A 123 22.19 -5.48 -18.52
C ARG A 123 23.42 -6.38 -18.36
N LEU A 124 23.27 -7.44 -17.55
CA LEU A 124 24.37 -8.36 -17.31
C LEU A 124 24.02 -9.84 -17.45
N PHE A 125 22.78 -10.19 -17.82
CA PHE A 125 22.46 -11.55 -18.24
C PHE A 125 22.09 -11.55 -19.71
N ARG A 126 22.78 -12.37 -20.50
CA ARG A 126 22.41 -12.60 -21.88
C ARG A 126 22.81 -14.02 -22.26
N LYS A 127 22.07 -14.59 -23.22
CA LYS A 127 22.37 -15.96 -23.67
C LYS A 127 23.63 -15.98 -24.54
N SER A 128 23.83 -14.95 -25.36
CA SER A 128 24.98 -14.88 -26.24
C SER A 128 25.49 -13.45 -26.32
N ASN A 129 26.73 -13.30 -26.78
CA ASN A 129 27.33 -11.99 -26.91
C ASN A 129 26.73 -11.26 -28.12
N LEU A 130 27.02 -9.96 -28.21
CA LEU A 130 26.48 -9.11 -29.24
C LEU A 130 27.60 -8.60 -30.16
N LYS A 131 27.22 -8.29 -31.40
CA LYS A 131 28.16 -7.74 -32.35
C LYS A 131 28.48 -6.29 -31.97
N PRO A 132 29.64 -5.78 -32.39
CA PRO A 132 29.96 -4.37 -32.11
C PRO A 132 29.00 -3.42 -32.80
N PHE A 133 28.80 -2.26 -32.15
CA PHE A 133 27.88 -1.21 -32.60
C PHE A 133 26.45 -1.74 -32.75
N GLU A 134 25.96 -2.36 -31.68
CA GLU A 134 24.60 -2.88 -31.61
C GLU A 134 23.97 -2.45 -30.30
N ARG A 135 22.74 -1.95 -30.36
CA ARG A 135 21.95 -1.64 -29.17
C ARG A 135 20.84 -2.68 -29.04
N ASP A 136 20.71 -3.27 -27.85
CA ASP A 136 19.74 -4.31 -27.59
C ASP A 136 18.93 -3.88 -26.37
N ILE A 137 17.80 -3.22 -26.62
CA ILE A 137 16.87 -2.82 -25.57
C ILE A 137 15.68 -3.77 -25.64
N SER A 138 15.50 -4.57 -24.59
CA SER A 138 14.43 -5.56 -24.54
C SER A 138 14.19 -5.94 -23.09
N THR A 139 12.95 -6.30 -22.77
CA THR A 139 12.57 -6.72 -21.43
C THR A 139 12.16 -8.19 -21.39
N GLU A 140 12.53 -8.97 -22.40
CA GLU A 140 12.19 -10.38 -22.42
C GLU A 140 13.05 -11.15 -21.43
N ILE A 141 12.41 -12.00 -20.62
CA ILE A 141 13.14 -12.76 -19.62
C ILE A 141 13.97 -13.86 -20.28
N TYR A 142 14.97 -14.32 -19.55
CA TYR A 142 15.86 -15.39 -20.01
C TYR A 142 15.77 -16.57 -19.06
N GLN A 143 16.14 -17.74 -19.57
CA GLN A 143 16.14 -18.97 -18.77
C GLN A 143 17.57 -19.35 -18.39
N ALA A 144 17.77 -19.62 -17.11
CA ALA A 144 19.08 -20.03 -16.60
C ALA A 144 19.24 -21.54 -16.56
N GLY A 145 18.24 -22.29 -17.04
CA GLY A 145 18.31 -23.73 -17.07
C GLY A 145 17.21 -24.33 -17.92
N ASN A 146 16.62 -25.43 -17.45
CA ASN A 146 15.55 -26.11 -18.16
C ASN A 146 14.17 -25.58 -17.80
N LYS A 147 14.08 -24.61 -16.89
CA LYS A 147 12.79 -24.10 -16.45
C LYS A 147 12.24 -23.11 -17.48
N PRO A 148 11.06 -23.34 -18.04
CA PRO A 148 10.49 -22.37 -18.99
C PRO A 148 9.85 -21.18 -18.29
N CYS A 149 10.66 -20.17 -17.97
CA CYS A 149 10.17 -18.98 -17.28
C CYS A 149 9.32 -18.16 -18.24
N ASN A 150 8.00 -18.14 -18.00
CA ASN A 150 7.08 -17.34 -18.80
C ASN A 150 6.80 -16.01 -18.08
N GLY A 151 7.87 -15.23 -17.92
CA GLY A 151 7.77 -13.95 -17.26
C GLY A 151 7.42 -14.01 -15.79
N VAL A 152 7.94 -15.01 -15.07
CA VAL A 152 7.69 -15.18 -13.64
C VAL A 152 9.04 -15.18 -12.93
N ALA A 153 9.20 -14.27 -11.98
CA ALA A 153 10.44 -14.19 -11.21
C ALA A 153 10.51 -15.33 -10.21
N GLY A 154 11.66 -15.99 -10.14
CA GLY A 154 11.84 -17.10 -9.23
C GLY A 154 13.17 -17.81 -9.39
N PHE A 155 13.18 -19.13 -9.20
CA PHE A 155 14.40 -19.89 -9.34
C PHE A 155 14.77 -20.02 -10.82
N ASN A 156 16.03 -19.71 -11.14
CA ASN A 156 16.58 -19.77 -12.50
C ASN A 156 15.83 -18.87 -13.47
N CYS A 157 15.22 -17.80 -12.97
CA CYS A 157 14.54 -16.80 -13.80
C CYS A 157 14.91 -15.42 -13.25
N TYR A 158 15.81 -14.73 -13.95
CA TYR A 158 16.29 -13.42 -13.51
C TYR A 158 16.13 -12.42 -14.64
N PHE A 159 15.85 -11.17 -14.27
CA PHE A 159 15.77 -10.10 -15.26
C PHE A 159 17.17 -9.71 -15.71
N PRO A 160 17.38 -9.51 -17.02
CA PRO A 160 18.70 -9.05 -17.49
C PRO A 160 19.10 -7.68 -16.97
N LEU A 161 18.13 -6.77 -16.82
CA LEU A 161 18.45 -5.41 -16.41
C LEU A 161 18.57 -5.29 -14.90
N ARG A 162 19.61 -4.58 -14.46
CA ARG A 162 19.83 -4.29 -13.05
C ARG A 162 20.13 -2.80 -12.89
N SER A 163 19.74 -2.25 -11.74
CA SER A 163 19.85 -0.83 -11.50
C SER A 163 21.12 -0.50 -10.72
N TYR A 164 21.80 0.56 -11.16
CA TYR A 164 22.98 1.05 -10.46
C TYR A 164 22.58 1.73 -9.15
N SER A 165 23.53 1.77 -8.22
CA SER A 165 23.35 2.43 -6.93
C SER A 165 24.37 3.55 -6.82
N PHE A 166 23.90 4.80 -6.88
CA PHE A 166 24.77 5.97 -6.85
C PHE A 166 24.43 6.81 -5.62
N ARG A 167 25.45 7.08 -4.80
CA ARG A 167 25.32 7.92 -3.63
C ARG A 167 26.54 8.82 -3.54
N PRO A 168 26.39 10.03 -2.98
CA PRO A 168 27.55 10.91 -2.81
C PRO A 168 28.56 10.40 -1.77
N THR A 169 28.14 9.53 -0.86
CA THR A 169 29.04 8.99 0.15
C THR A 169 29.90 7.83 -0.35
N TYR A 170 29.65 7.36 -1.57
CA TYR A 170 30.42 6.24 -2.11
C TYR A 170 31.81 6.71 -2.52
N GLY A 171 32.70 5.74 -2.74
CA GLY A 171 34.08 6.02 -3.07
C GLY A 171 34.28 6.40 -4.52
N VAL A 172 35.55 6.58 -4.88
CA VAL A 172 35.91 6.96 -6.25
C VAL A 172 35.58 5.82 -7.22
N GLY A 173 35.86 4.58 -6.82
CA GLY A 173 35.63 3.44 -7.69
C GLY A 173 34.18 3.06 -7.88
N HIS A 174 33.26 3.71 -7.17
CA HIS A 174 31.82 3.47 -7.34
C HIS A 174 31.08 4.75 -7.75
N GLN A 175 31.79 5.84 -8.01
CA GLN A 175 31.14 7.07 -8.43
C GLN A 175 30.65 6.96 -9.86
N PRO A 176 29.52 7.60 -10.19
CA PRO A 176 29.06 7.61 -11.58
C PRO A 176 29.97 8.41 -12.48
N TYR A 177 30.06 7.98 -13.73
CA TYR A 177 30.91 8.62 -14.73
C TYR A 177 30.09 8.86 -16.00
N ARG A 178 30.17 10.08 -16.52
CA ARG A 178 29.48 10.44 -17.76
C ARG A 178 30.44 10.20 -18.93
N VAL A 179 30.11 9.24 -19.78
CA VAL A 179 30.97 8.81 -20.88
C VAL A 179 30.23 9.03 -22.18
N VAL A 180 30.88 9.75 -23.11
CA VAL A 180 30.35 9.98 -24.46
C VAL A 180 31.37 9.46 -25.46
N VAL A 181 30.92 8.67 -26.41
CA VAL A 181 31.80 7.97 -27.34
C VAL A 181 31.80 8.71 -28.67
N LEU A 182 33.00 8.93 -29.22
CA LEU A 182 33.16 9.58 -30.51
C LEU A 182 33.77 8.59 -31.50
N SER A 183 33.31 8.67 -32.75
CA SER A 183 33.76 7.77 -33.81
C SER A 183 34.14 8.59 -35.03
N PHE A 184 35.27 8.24 -35.64
CA PHE A 184 35.78 8.93 -36.83
C PHE A 184 36.03 7.91 -37.93
N GLU A 185 35.48 8.18 -39.11
CA GLU A 185 35.70 7.34 -40.27
C GLU A 185 35.95 8.20 -41.50
N LEU A 186 36.65 7.64 -42.47
CA LEU A 186 36.96 8.35 -43.71
C LEU A 186 36.29 7.66 -44.90
N VAL B 2 13.30 0.55 -0.28
CA VAL B 2 12.47 -0.54 -0.79
C VAL B 2 11.00 -0.27 -0.51
N GLN B 3 10.75 0.37 0.64
CA GLN B 3 9.38 0.68 1.03
C GLN B 3 8.83 1.83 0.19
N LEU B 4 7.49 1.91 0.14
CA LEU B 4 6.78 2.95 -0.59
C LEU B 4 6.13 3.90 0.39
N VAL B 5 6.37 5.19 0.20
CA VAL B 5 5.78 6.24 1.03
C VAL B 5 4.93 7.13 0.13
N GLU B 6 3.78 7.57 0.65
CA GLU B 6 2.86 8.38 -0.11
C GLU B 6 2.02 9.23 0.84
N SER B 7 1.46 10.31 0.31
CA SER B 7 0.65 11.24 1.09
C SER B 7 -0.33 11.92 0.14
N GLY B 8 -0.96 13.00 0.64
CA GLY B 8 -1.91 13.75 -0.14
C GLY B 8 -3.37 13.53 0.21
N GLY B 9 -3.66 12.68 1.20
CA GLY B 9 -5.03 12.47 1.61
C GLY B 9 -5.58 13.66 2.38
N GLY B 10 -6.90 13.80 2.32
CA GLY B 10 -7.55 14.91 2.99
C GLY B 10 -9.05 14.86 2.78
N LEU B 11 -9.72 15.88 3.32
CA LEU B 11 -11.17 16.00 3.19
C LEU B 11 -11.50 16.56 1.82
N VAL B 12 -12.16 15.76 0.99
CA VAL B 12 -12.50 16.14 -0.38
C VAL B 12 -14.01 16.15 -0.52
N LYS B 13 -14.54 17.26 -1.03
CA LYS B 13 -15.94 17.34 -1.40
C LYS B 13 -16.19 16.45 -2.62
N PRO B 14 -17.42 15.95 -2.80
CA PRO B 14 -17.77 15.28 -4.06
C PRO B 14 -17.59 16.22 -5.25
N GLY B 15 -17.03 15.68 -6.32
CA GLY B 15 -16.57 16.51 -7.42
C GLY B 15 -15.20 17.10 -7.14
N GLY B 16 -14.75 17.95 -8.06
CA GLY B 16 -13.46 18.56 -7.88
C GLY B 16 -12.31 17.59 -8.16
N SER B 17 -11.13 17.98 -7.66
CA SER B 17 -9.92 17.19 -7.87
C SER B 17 -9.24 16.93 -6.53
N LEU B 18 -8.55 15.79 -6.46
CA LEU B 18 -7.80 15.39 -5.27
C LEU B 18 -6.36 15.10 -5.67
N ARG B 19 -5.41 15.66 -4.92
CA ARG B 19 -3.99 15.50 -5.21
C ARG B 19 -3.48 14.29 -4.44
N LEU B 20 -3.23 13.19 -5.16
CA LEU B 20 -2.67 11.97 -4.58
C LEU B 20 -1.41 11.61 -5.35
N SER B 21 -0.30 11.48 -4.61
CA SER B 21 0.99 11.17 -5.22
C SER B 21 1.67 10.06 -4.42
N CYS B 22 2.49 9.27 -5.11
CA CYS B 22 3.25 8.20 -4.49
C CYS B 22 4.73 8.36 -4.85
N ALA B 23 5.60 7.95 -3.93
CA ALA B 23 7.03 8.08 -4.10
C ALA B 23 7.69 6.72 -3.89
N ALA B 24 8.83 6.53 -4.56
CA ALA B 24 9.57 5.28 -4.50
C ALA B 24 11.02 5.56 -4.16
N SER B 25 11.59 4.73 -3.29
CA SER B 25 12.99 4.84 -2.90
C SER B 25 13.53 3.46 -2.55
N GLY B 26 14.84 3.29 -2.72
CA GLY B 26 15.49 2.04 -2.43
C GLY B 26 15.42 0.99 -3.51
N PHE B 27 14.72 1.27 -4.62
CA PHE B 27 14.60 0.32 -5.71
C PHE B 27 14.26 1.07 -6.98
N SER B 28 14.45 0.40 -8.12
CA SER B 28 14.26 1.04 -9.41
C SER B 28 12.77 1.22 -9.71
N PHE B 29 12.40 2.42 -10.15
CA PHE B 29 11.00 2.77 -10.36
C PHE B 29 10.56 2.67 -11.81
N ILE B 30 11.41 3.08 -12.76
CA ILE B 30 10.99 3.18 -14.16
C ILE B 30 10.90 1.84 -14.88
N THR B 31 11.39 0.76 -14.27
CA THR B 31 11.33 -0.56 -14.88
C THR B 31 10.32 -1.47 -14.19
N TYR B 32 9.41 -0.90 -13.40
CA TYR B 32 8.45 -1.67 -12.63
C TYR B 32 7.03 -1.36 -13.10
N ASN B 33 6.29 -2.41 -13.43
CA ASN B 33 4.86 -2.29 -13.70
C ASN B 33 4.11 -2.46 -12.38
N MET B 34 3.18 -1.55 -12.10
CA MET B 34 2.46 -1.55 -10.84
C MET B 34 1.10 -0.89 -11.05
N ASN B 35 0.30 -0.87 -9.98
CA ASN B 35 -1.07 -0.41 -10.07
C ASN B 35 -1.45 0.24 -8.74
N TRP B 36 -2.75 0.43 -8.51
CA TRP B 36 -3.29 0.98 -7.28
C TRP B 36 -4.28 0.01 -6.67
N VAL B 37 -4.32 -0.03 -5.34
CA VAL B 37 -5.24 -0.87 -4.59
C VAL B 37 -5.90 -0.03 -3.51
N ARG B 38 -7.23 0.00 -3.50
CA ARG B 38 -7.99 0.73 -2.49
C ARG B 38 -8.73 -0.25 -1.58
N GLN B 39 -8.84 0.13 -0.31
CA GLN B 39 -9.48 -0.70 0.70
C GLN B 39 -10.53 0.13 1.43
N ALA B 40 -11.79 -0.29 1.31
CA ALA B 40 -12.86 0.37 2.04
C ALA B 40 -12.74 0.08 3.54
N PRO B 41 -13.16 1.02 4.40
CA PRO B 41 -13.12 0.75 5.85
C PRO B 41 -14.00 -0.41 6.29
N GLY B 42 -15.12 -0.65 5.59
CA GLY B 42 -16.03 -1.71 5.99
C GLY B 42 -15.66 -3.07 5.43
N LYS B 43 -15.56 -3.17 4.10
CA LYS B 43 -15.26 -4.44 3.45
C LYS B 43 -13.75 -4.55 3.23
N GLY B 44 -13.34 -5.52 2.42
CA GLY B 44 -11.94 -5.78 2.16
C GLY B 44 -11.39 -4.96 1.02
N LEU B 45 -10.28 -5.45 0.46
CA LEU B 45 -9.60 -4.76 -0.63
C LEU B 45 -10.39 -4.89 -1.93
N GLU B 46 -10.09 -4.00 -2.87
CA GLU B 46 -10.69 -4.03 -4.19
C GLU B 46 -9.76 -3.36 -5.20
N TRP B 47 -9.85 -3.80 -6.45
CA TRP B 47 -9.01 -3.29 -7.52
C TRP B 47 -9.65 -2.07 -8.17
N VAL B 48 -8.80 -1.10 -8.54
CA VAL B 48 -9.30 0.16 -9.07
C VAL B 48 -8.74 0.48 -10.46
N SER B 49 -7.44 0.34 -10.66
CA SER B 49 -6.81 0.79 -11.91
C SER B 49 -5.48 0.07 -12.09
N SER B 50 -4.83 0.34 -13.22
CA SER B 50 -3.51 -0.20 -13.52
C SER B 50 -2.83 0.71 -14.53
N ILE B 51 -1.51 0.59 -14.61
CA ILE B 51 -0.71 1.37 -15.56
C ILE B 51 0.57 0.61 -15.89
N SER B 52 0.88 0.49 -17.17
CA SER B 52 2.09 -0.21 -17.58
C SER B 52 3.30 0.72 -17.50
N SER B 53 4.49 0.12 -17.48
CA SER B 53 5.72 0.87 -17.39
C SER B 53 6.09 1.45 -18.76
N ASN B 54 7.04 2.39 -18.74
CA ASN B 54 7.44 3.06 -19.97
C ASN B 54 8.44 2.23 -20.76
N ILE B 55 9.44 1.67 -20.09
CA ILE B 55 10.47 0.89 -20.80
C ILE B 55 10.13 -0.59 -20.90
N LEU B 56 9.10 -1.05 -20.20
CA LEU B 56 8.70 -2.46 -20.29
C LEU B 56 8.10 -2.76 -21.66
N SER B 57 7.25 -1.87 -22.16
CA SER B 57 6.63 -2.04 -23.48
C SER B 57 6.63 -0.69 -24.20
N SER B 58 6.77 -0.75 -25.52
CA SER B 58 6.73 0.48 -26.32
C SER B 58 5.37 1.15 -26.26
N THR B 59 4.29 0.36 -26.30
CA THR B 59 2.94 0.88 -26.21
C THR B 59 2.46 0.77 -24.76
N SER B 60 2.12 1.91 -24.16
CA SER B 60 1.67 1.92 -22.78
C SER B 60 0.28 1.32 -22.65
N TYR B 61 0.08 0.54 -21.60
CA TYR B 61 -1.19 -0.12 -21.32
C TYR B 61 -1.79 0.46 -20.04
N ILE B 62 -3.01 0.98 -20.15
CA ILE B 62 -3.74 1.55 -19.01
C ILE B 62 -5.03 0.76 -18.84
N TYR B 63 -5.30 0.33 -17.60
CA TYR B 63 -6.48 -0.46 -17.29
C TYR B 63 -7.22 0.17 -16.12
N TYR B 64 -8.54 0.00 -16.12
CA TYR B 64 -9.40 0.54 -15.07
C TYR B 64 -10.44 -0.51 -14.69
N ALA B 65 -11.00 -0.35 -13.50
CA ALA B 65 -12.04 -1.24 -13.04
C ALA B 65 -13.35 -0.96 -13.77
N ASP B 66 -14.30 -1.88 -13.63
CA ASP B 66 -15.58 -1.76 -14.33
C ASP B 66 -16.41 -0.60 -13.81
N SER B 67 -16.36 -0.35 -12.50
CA SER B 67 -17.15 0.72 -11.91
C SER B 67 -16.57 2.10 -12.19
N VAL B 68 -15.27 2.20 -12.48
CA VAL B 68 -14.62 3.49 -12.67
C VAL B 68 -13.92 3.53 -14.02
N LYS B 69 -14.47 2.80 -15.00
CA LYS B 69 -13.89 2.75 -16.34
C LYS B 69 -14.02 4.10 -17.03
N GLY B 70 -12.89 4.78 -17.22
CA GLY B 70 -12.87 6.09 -17.83
C GLY B 70 -13.05 7.25 -16.87
N ARG B 71 -13.50 6.99 -15.63
CA ARG B 71 -13.67 8.07 -14.67
C ARG B 71 -12.33 8.57 -14.14
N PHE B 72 -11.41 7.65 -13.82
CA PHE B 72 -10.14 8.01 -13.22
C PHE B 72 -9.06 8.16 -14.28
N THR B 73 -8.22 9.18 -14.13
CA THR B 73 -7.11 9.44 -15.04
C THR B 73 -5.82 9.47 -14.22
N ILE B 74 -5.03 8.39 -14.32
CA ILE B 74 -3.80 8.26 -13.56
C ILE B 74 -2.62 8.17 -14.53
N SER B 75 -1.44 8.47 -14.02
CA SER B 75 -0.22 8.47 -14.82
C SER B 75 0.98 8.33 -13.89
N ARG B 76 2.14 8.09 -14.48
CA ARG B 76 3.39 7.98 -13.74
C ARG B 76 4.43 8.91 -14.35
N ASP B 77 5.41 9.27 -13.53
CA ASP B 77 6.51 10.14 -13.94
C ASP B 77 7.84 9.44 -13.70
N ASP B 78 8.67 9.37 -14.73
CA ASP B 78 9.99 8.75 -14.59
C ASP B 78 10.93 9.59 -13.75
N ALA B 79 10.82 10.92 -13.85
CA ALA B 79 11.71 11.81 -13.12
C ALA B 79 11.32 11.88 -11.65
N ALA B 80 12.34 11.88 -10.79
CA ALA B 80 12.26 12.06 -9.34
C ALA B 80 11.46 10.97 -8.63
N ASN B 81 11.16 9.86 -9.31
CA ASN B 81 10.46 8.70 -8.75
C ASN B 81 9.10 9.08 -8.16
N SER B 82 8.22 9.56 -9.04
CA SER B 82 6.90 10.04 -8.63
C SER B 82 5.82 9.31 -9.43
N LEU B 83 4.76 8.92 -8.73
CA LEU B 83 3.58 8.32 -9.34
C LEU B 83 2.36 9.12 -8.93
N PHE B 84 1.53 9.49 -9.92
CA PHE B 84 0.44 10.42 -9.70
C PHE B 84 -0.91 9.75 -9.86
N LEU B 85 -1.94 10.41 -9.34
CA LEU B 85 -3.32 9.93 -9.43
C LEU B 85 -4.24 11.14 -9.33
N GLN B 86 -4.93 11.45 -10.43
CA GLN B 86 -5.81 12.60 -10.49
C GLN B 86 -7.26 12.19 -10.25
N MET B 87 -8.08 13.20 -9.92
CA MET B 87 -9.50 12.99 -9.64
C MET B 87 -10.32 14.01 -10.39
N ASN B 88 -11.53 13.61 -10.78
CA ASN B 88 -12.46 14.51 -11.46
C ASN B 88 -13.83 14.57 -10.79
N SER B 89 -14.31 13.46 -10.25
CA SER B 89 -15.60 13.43 -9.58
C SER B 89 -15.56 12.35 -8.50
N LEU B 90 -16.10 12.68 -7.32
CA LEU B 90 -16.13 11.78 -6.19
C LEU B 90 -17.56 11.53 -5.73
N ARG B 91 -17.78 10.35 -5.17
CA ARG B 91 -19.08 9.96 -4.64
C ARG B 91 -18.96 9.68 -3.14
N VAL B 92 -20.12 9.62 -2.49
CA VAL B 92 -20.13 9.37 -1.04
C VAL B 92 -19.82 7.92 -0.71
N GLU B 93 -19.93 7.01 -1.68
CA GLU B 93 -19.57 5.61 -1.49
C GLU B 93 -18.17 5.30 -2.01
N ASP B 94 -17.42 6.30 -2.45
CA ASP B 94 -16.10 6.10 -3.02
C ASP B 94 -14.98 6.21 -1.98
N THR B 95 -15.33 6.38 -0.71
CA THR B 95 -14.30 6.47 0.33
C THR B 95 -13.65 5.11 0.56
N ALA B 96 -12.33 5.13 0.82
CA ALA B 96 -11.53 3.93 1.00
C ALA B 96 -10.18 4.34 1.55
N GLN B 97 -9.31 3.35 1.73
CA GLN B 97 -7.89 3.56 2.04
C GLN B 97 -7.07 3.08 0.86
N TYR B 98 -6.30 3.98 0.26
CA TYR B 98 -5.57 3.69 -0.97
C TYR B 98 -4.17 3.23 -0.66
N TYR B 99 -3.76 2.13 -1.27
CA TYR B 99 -2.43 1.55 -1.10
C TYR B 99 -1.66 1.66 -2.41
N CYS B 100 -0.37 2.00 -2.30
CA CYS B 100 0.50 2.10 -3.46
C CYS B 100 0.98 0.69 -3.80
N ALA B 101 0.26 0.03 -4.69
CA ALA B 101 0.56 -1.34 -5.06
C ALA B 101 1.81 -1.43 -5.93
N ARG B 102 2.49 -2.56 -5.86
CA ARG B 102 3.73 -2.78 -6.59
C ARG B 102 3.85 -4.27 -6.88
N THR B 103 4.15 -4.60 -8.14
CA THR B 103 4.22 -5.98 -8.60
C THR B 103 5.65 -6.42 -8.78
N ARG B 104 5.89 -7.72 -8.61
CA ARG B 104 7.21 -8.32 -8.76
C ARG B 104 7.39 -9.00 -10.12
N SER B 105 6.44 -8.81 -11.04
CA SER B 105 6.54 -9.44 -12.35
C SER B 105 7.72 -8.90 -13.16
N ARG B 106 7.88 -7.57 -13.16
CA ARG B 106 8.99 -6.86 -13.79
C ARG B 106 9.07 -7.09 -15.31
N SER B 107 7.98 -7.55 -15.92
CA SER B 107 7.93 -7.81 -17.35
C SER B 107 6.48 -7.85 -17.79
N VAL B 108 6.26 -7.62 -19.08
CA VAL B 108 4.94 -7.66 -19.68
C VAL B 108 4.97 -8.57 -20.91
N ARG B 109 4.04 -9.52 -20.98
CA ARG B 109 3.90 -10.39 -22.13
C ARG B 109 2.46 -10.92 -22.16
N ASN B 110 2.01 -11.25 -23.38
CA ASN B 110 0.66 -11.76 -23.64
C ASN B 110 -0.42 -10.82 -23.09
N CYS B 111 -0.17 -9.52 -23.21
CA CYS B 111 -1.07 -8.49 -22.69
C CYS B 111 -1.58 -7.64 -23.87
N THR B 112 -2.90 -7.55 -23.98
CA THR B 112 -3.54 -6.72 -24.98
C THR B 112 -3.90 -5.37 -24.36
N SER B 113 -4.67 -4.57 -25.10
CA SER B 113 -5.12 -3.28 -24.59
C SER B 113 -6.30 -3.39 -23.64
N ALA B 114 -6.87 -4.59 -23.48
CA ALA B 114 -8.02 -4.80 -22.61
C ALA B 114 -7.75 -5.74 -21.45
N THR B 115 -6.64 -6.47 -21.45
CA THR B 115 -6.33 -7.39 -20.37
C THR B 115 -4.82 -7.58 -20.28
N CYS B 116 -4.34 -7.79 -19.04
CA CYS B 116 -2.94 -8.08 -18.78
C CYS B 116 -2.80 -8.81 -17.46
N PRO B 117 -2.37 -10.07 -17.46
CA PRO B 117 -2.20 -10.81 -16.20
C PRO B 117 -0.83 -10.62 -15.58
N VAL B 118 -0.81 -10.60 -14.24
CA VAL B 118 0.42 -10.51 -13.47
C VAL B 118 0.37 -11.58 -12.38
N ASP B 119 1.54 -11.87 -11.81
CA ASP B 119 1.63 -12.97 -10.84
C ASP B 119 1.13 -12.54 -9.47
N ALA B 120 1.77 -11.55 -8.85
CA ALA B 120 1.44 -11.17 -7.48
C ALA B 120 1.94 -9.76 -7.22
N PHE B 121 1.61 -9.25 -6.03
CA PHE B 121 2.08 -7.95 -5.54
C PHE B 121 3.01 -8.22 -4.37
N ASP B 122 4.31 -7.96 -4.55
CA ASP B 122 5.29 -8.34 -3.54
C ASP B 122 5.25 -7.43 -2.32
N LEU B 123 5.14 -6.11 -2.53
CA LEU B 123 5.19 -5.16 -1.43
C LEU B 123 4.12 -4.09 -1.62
N TRP B 124 3.53 -3.67 -0.51
CA TRP B 124 2.53 -2.61 -0.50
C TRP B 124 2.98 -1.50 0.44
N GLY B 125 2.79 -0.26 0.01
CA GLY B 125 3.18 0.89 0.79
C GLY B 125 2.16 1.26 1.85
N GLN B 126 2.50 2.31 2.61
CA GLN B 126 1.60 2.80 3.64
C GLN B 126 0.38 3.46 3.02
N GLY B 127 -0.78 3.23 3.64
CA GLY B 127 -2.02 3.76 3.10
C GLY B 127 -2.25 5.22 3.44
N THR B 128 -3.18 5.81 2.69
CA THR B 128 -3.59 7.20 2.90
C THR B 128 -5.06 7.23 3.28
N MET B 129 -5.43 8.22 4.09
CA MET B 129 -6.81 8.39 4.54
C MET B 129 -7.51 9.34 3.58
N VAL B 130 -8.26 8.79 2.63
CA VAL B 130 -9.07 9.57 1.71
C VAL B 130 -10.52 9.43 2.16
N ILE B 131 -11.09 10.52 2.64
CA ILE B 131 -12.44 10.54 3.18
C ILE B 131 -13.24 11.66 2.52
N VAL B 132 -14.47 11.36 2.12
CA VAL B 132 -15.34 12.33 1.47
C VAL B 132 -16.48 12.68 2.43
N SER B 133 -16.79 13.97 2.50
CA SER B 133 -17.83 14.46 3.39
C SER B 133 -18.40 15.78 2.90
N SER B 134 -19.72 15.81 2.65
CA SER B 134 -20.36 17.07 2.28
C SER B 134 -20.40 18.03 3.45
N ALA B 135 -20.62 17.51 4.66
CA ALA B 135 -20.65 18.35 5.84
C ALA B 135 -19.26 18.84 6.20
N SER B 136 -19.21 19.93 6.97
CA SER B 136 -17.96 20.52 7.40
C SER B 136 -17.50 19.84 8.70
N THR B 137 -16.51 20.44 9.36
CA THR B 137 -15.97 19.91 10.61
C THR B 137 -16.87 20.30 11.79
N LYS B 138 -17.08 19.34 12.69
CA LYS B 138 -17.82 19.56 13.92
C LYS B 138 -16.88 19.42 15.12
N GLY B 139 -17.20 20.17 16.18
CA GLY B 139 -16.45 20.07 17.41
C GLY B 139 -16.93 18.94 18.29
N PRO B 140 -16.02 18.21 18.91
CA PRO B 140 -16.40 17.05 19.71
C PRO B 140 -17.11 17.46 21.01
N SER B 141 -17.95 16.55 21.50
CA SER B 141 -18.66 16.74 22.76
C SER B 141 -18.67 15.42 23.50
N VAL B 142 -18.21 15.43 24.76
CA VAL B 142 -18.14 14.24 25.59
C VAL B 142 -19.25 14.29 26.63
N PHE B 143 -19.98 13.19 26.77
CA PHE B 143 -21.13 13.13 27.68
C PHE B 143 -20.90 12.00 28.68
N PRO B 144 -20.75 12.31 29.98
CA PRO B 144 -20.71 11.28 31.01
C PRO B 144 -21.95 10.38 31.01
N LEU B 145 -21.84 9.28 31.74
CA LEU B 145 -22.92 8.31 31.87
C LEU B 145 -22.99 7.81 33.31
N ALA B 146 -24.18 7.35 33.69
CA ALA B 146 -24.41 6.87 35.04
C ALA B 146 -23.97 5.41 35.17
N PRO B 147 -23.11 5.09 36.14
CA PRO B 147 -22.63 3.70 36.27
C PRO B 147 -23.69 2.77 36.85
N SER B 148 -23.47 1.48 36.64
CA SER B 148 -24.30 0.43 37.21
C SER B 148 -23.40 -0.71 37.66
N SER B 149 -23.85 -1.46 38.67
CA SER B 149 -23.08 -2.59 39.21
C SER B 149 -24.00 -3.79 39.36
N LYS B 150 -24.13 -4.57 38.28
CA LYS B 150 -24.88 -5.82 38.31
C LYS B 150 -24.04 -7.03 37.93
N SER B 151 -23.32 -6.97 36.81
CA SER B 151 -22.54 -8.10 36.35
C SER B 151 -21.10 -7.99 36.84
N THR B 152 -20.34 -9.08 36.64
CA THR B 152 -19.00 -9.27 37.21
C THR B 152 -19.01 -8.99 38.72
N SER B 153 -19.95 -9.65 39.40
CA SER B 153 -20.25 -9.51 40.83
C SER B 153 -20.74 -8.10 41.19
N GLY B 154 -21.26 -7.95 42.41
CA GLY B 154 -21.84 -6.68 42.82
C GLY B 154 -20.84 -5.60 43.17
N GLY B 155 -19.56 -5.95 43.32
CA GLY B 155 -18.53 -5.01 43.68
C GLY B 155 -17.80 -4.35 42.53
N THR B 156 -18.25 -4.55 41.29
CA THR B 156 -17.60 -3.99 40.12
C THR B 156 -18.62 -3.19 39.32
N ALA B 157 -18.28 -1.93 39.03
CA ALA B 157 -19.16 -1.04 38.28
C ALA B 157 -18.40 -0.47 37.09
N ALA B 158 -18.93 -0.69 35.89
CA ALA B 158 -18.31 -0.22 34.66
C ALA B 158 -18.94 1.10 34.26
N LEU B 159 -18.11 2.12 34.07
CA LEU B 159 -18.55 3.43 33.60
C LEU B 159 -17.53 4.00 32.63
N GLY B 160 -17.98 4.93 31.80
CA GLY B 160 -17.11 5.48 30.79
C GLY B 160 -17.42 6.90 30.34
N CYS B 161 -16.75 7.33 29.27
CA CYS B 161 -17.02 8.62 28.64
C CYS B 161 -17.25 8.39 27.16
N LEU B 162 -18.37 8.87 26.65
CA LEU B 162 -18.73 8.69 25.25
C LEU B 162 -18.71 10.03 24.53
N VAL B 163 -18.33 10.01 23.26
CA VAL B 163 -18.24 11.21 22.43
C VAL B 163 -19.27 11.11 21.31
N LYS B 164 -19.95 12.22 21.05
CA LYS B 164 -20.97 12.29 20.02
C LYS B 164 -20.80 13.58 19.23
N ASP B 165 -21.17 13.53 17.95
CA ASP B 165 -21.13 14.66 17.03
C ASP B 165 -19.72 15.25 16.92
N TYR B 166 -18.79 14.40 16.48
CA TYR B 166 -17.39 14.79 16.33
C TYR B 166 -16.94 14.48 14.91
N PHE B 167 -15.92 15.22 14.48
CA PHE B 167 -15.39 15.06 13.12
C PHE B 167 -13.96 15.60 13.09
N PRO B 168 -13.01 14.89 12.44
CA PRO B 168 -13.17 13.65 11.66
C PRO B 168 -13.01 12.37 12.46
N GLU B 169 -12.76 11.27 11.74
CA GLU B 169 -12.62 9.95 12.36
C GLU B 169 -11.47 9.83 13.36
N PRO B 170 -10.23 10.28 13.10
CA PRO B 170 -9.18 10.06 14.10
C PRO B 170 -9.39 10.91 15.35
N VAL B 171 -9.64 10.24 16.46
CA VAL B 171 -9.79 10.88 17.76
C VAL B 171 -9.09 10.01 18.80
N THR B 172 -8.41 10.66 19.74
CA THR B 172 -7.65 9.98 20.79
C THR B 172 -8.27 10.28 22.14
N VAL B 173 -8.50 9.22 22.93
CA VAL B 173 -9.09 9.33 24.26
C VAL B 173 -8.12 8.71 25.27
N SER B 174 -7.84 9.45 26.34
CA SER B 174 -6.98 8.98 27.42
C SER B 174 -7.75 9.00 28.73
N TRP B 175 -7.48 8.00 29.57
CA TRP B 175 -8.15 7.82 30.84
C TRP B 175 -7.17 8.05 31.98
N ASN B 176 -7.53 8.99 32.88
CA ASN B 176 -6.72 9.36 34.04
C ASN B 176 -5.30 9.79 33.64
N SER B 177 -5.20 10.50 32.52
CA SER B 177 -3.93 10.92 31.91
C SER B 177 -3.01 9.74 31.67
N GLY B 178 -3.57 8.62 31.25
CA GLY B 178 -2.82 7.42 30.96
C GLY B 178 -2.46 6.56 32.15
N ALA B 179 -2.85 6.97 33.37
CA ALA B 179 -2.51 6.18 34.55
C ALA B 179 -3.36 4.93 34.66
N LEU B 180 -4.66 5.04 34.36
CA LEU B 180 -5.58 3.90 34.46
C LEU B 180 -5.60 3.18 33.12
N THR B 181 -4.89 2.05 33.04
CA THR B 181 -4.83 1.25 31.83
C THR B 181 -5.39 -0.15 32.05
N SER B 182 -6.06 -0.40 33.16
CA SER B 182 -6.64 -1.71 33.44
C SER B 182 -8.09 -1.73 32.95
N GLY B 183 -8.38 -2.66 32.05
CA GLY B 183 -9.73 -2.78 31.51
C GLY B 183 -10.11 -1.73 30.49
N VAL B 184 -9.14 -1.11 29.83
CA VAL B 184 -9.44 -0.10 28.81
C VAL B 184 -9.68 -0.79 27.48
N HIS B 185 -10.77 -0.43 26.80
CA HIS B 185 -11.07 -0.91 25.46
C HIS B 185 -11.47 0.27 24.59
N THR B 186 -11.09 0.22 23.32
CA THR B 186 -11.45 1.23 22.34
C THR B 186 -12.16 0.57 21.17
N PHE B 187 -13.19 1.24 20.64
CA PHE B 187 -13.92 0.74 19.49
C PHE B 187 -13.62 1.61 18.28
N PRO B 188 -13.72 1.05 17.06
CA PRO B 188 -13.58 1.89 15.87
C PRO B 188 -14.85 2.63 15.51
N ALA B 189 -14.75 3.62 14.63
CA ALA B 189 -15.86 4.50 14.31
C ALA B 189 -16.91 3.81 13.45
N VAL B 190 -18.16 4.18 13.67
CA VAL B 190 -19.29 3.69 12.89
C VAL B 190 -19.95 4.89 12.21
N LEU B 191 -20.19 4.75 10.90
CA LEU B 191 -20.75 5.85 10.11
C LEU B 191 -22.27 5.84 10.20
N GLN B 192 -22.84 6.99 10.56
CA GLN B 192 -24.29 7.13 10.63
C GLN B 192 -24.83 7.58 9.27
N SER B 193 -26.16 7.72 9.19
CA SER B 193 -26.77 8.18 7.95
C SER B 193 -26.59 9.68 7.73
N SER B 194 -26.28 10.43 8.79
CA SER B 194 -26.07 11.86 8.70
C SER B 194 -24.63 12.25 8.45
N GLY B 195 -23.71 11.27 8.36
CA GLY B 195 -22.33 11.54 8.05
C GLY B 195 -21.43 11.81 9.24
N LEU B 196 -21.97 11.85 10.46
CA LEU B 196 -21.17 12.05 11.64
C LEU B 196 -20.72 10.71 12.21
N TYR B 197 -20.09 10.74 13.38
CA TYR B 197 -19.56 9.54 14.02
C TYR B 197 -19.95 9.51 15.48
N SER B 198 -19.99 8.30 16.04
CA SER B 198 -20.29 8.10 17.45
C SER B 198 -19.33 7.07 18.03
N LEU B 199 -18.95 7.26 19.28
CA LEU B 199 -18.01 6.36 19.92
C LEU B 199 -18.20 6.40 21.43
N SER B 200 -17.74 5.35 22.10
CA SER B 200 -17.75 5.26 23.54
C SER B 200 -16.44 4.67 24.03
N SER B 201 -16.00 5.10 25.21
CA SER B 201 -14.78 4.59 25.84
C SER B 201 -15.09 4.28 27.29
N VAL B 202 -15.01 3.00 27.65
CA VAL B 202 -15.42 2.54 28.98
C VAL B 202 -14.28 1.75 29.60
N VAL B 203 -13.98 2.07 30.87
CA VAL B 203 -12.95 1.39 31.65
C VAL B 203 -13.63 0.74 32.84
N THR B 204 -13.46 -0.57 32.98
CA THR B 204 -14.07 -1.30 34.08
C THR B 204 -13.31 -1.05 35.37
N VAL B 205 -14.04 -0.77 36.45
CA VAL B 205 -13.44 -0.48 37.75
C VAL B 205 -14.26 -1.14 38.84
N PRO B 206 -13.61 -1.56 39.93
CA PRO B 206 -14.36 -1.99 41.11
C PRO B 206 -15.20 -0.86 41.68
N SER B 207 -16.37 -1.23 42.20
CA SER B 207 -17.33 -0.27 42.72
C SER B 207 -17.04 0.15 44.16
N SER B 208 -16.04 -0.44 44.81
CA SER B 208 -15.73 -0.08 46.19
C SER B 208 -15.03 1.28 46.31
N SER B 209 -14.56 1.84 45.20
CA SER B 209 -13.88 3.13 45.20
C SER B 209 -14.68 4.19 44.43
N LEU B 210 -16.01 4.09 44.46
CA LEU B 210 -16.85 5.02 43.72
C LEU B 210 -16.98 6.38 44.40
N GLY B 211 -16.67 6.47 45.69
CA GLY B 211 -16.83 7.72 46.41
C GLY B 211 -15.53 8.47 46.67
N THR B 212 -14.40 7.83 46.38
CA THR B 212 -13.09 8.41 46.68
C THR B 212 -12.28 8.69 45.43
N GLN B 213 -12.12 7.70 44.54
CA GLN B 213 -11.30 7.86 43.36
C GLN B 213 -11.94 8.83 42.37
N THR B 214 -11.12 9.68 41.77
CA THR B 214 -11.57 10.69 40.82
C THR B 214 -11.36 10.15 39.40
N TYR B 215 -12.43 10.18 38.60
CA TYR B 215 -12.40 9.72 37.22
C TYR B 215 -12.47 10.92 36.30
N ILE B 216 -11.47 11.05 35.44
CA ILE B 216 -11.40 12.12 34.45
C ILE B 216 -11.11 11.51 33.09
N CYS B 217 -11.79 11.99 32.05
CA CYS B 217 -11.57 11.54 30.69
C CYS B 217 -11.14 12.72 29.83
N ASN B 218 -10.03 12.56 29.11
CA ASN B 218 -9.50 13.59 28.24
C ASN B 218 -9.68 13.16 26.79
N VAL B 219 -10.17 14.09 25.96
CA VAL B 219 -10.41 13.84 24.55
C VAL B 219 -9.42 14.67 23.74
N ASN B 220 -8.64 14.01 22.90
CA ASN B 220 -7.66 14.66 22.04
C ASN B 220 -8.21 14.63 20.62
N HIS B 221 -8.34 15.80 20.00
CA HIS B 221 -8.86 15.92 18.63
C HIS B 221 -7.99 16.96 17.92
N LYS B 222 -6.97 16.48 17.23
CA LYS B 222 -6.02 17.37 16.56
C LYS B 222 -6.62 18.22 15.45
N PRO B 223 -7.43 17.70 14.51
CA PRO B 223 -8.00 18.61 13.49
C PRO B 223 -8.99 19.61 14.05
N SER B 224 -9.71 19.28 15.12
CA SER B 224 -10.66 20.21 15.72
C SER B 224 -10.03 21.16 16.73
N ASN B 225 -8.83 20.82 17.24
CA ASN B 225 -8.10 21.62 18.22
C ASN B 225 -8.92 21.90 19.47
N THR B 226 -9.64 20.88 19.94
CA THR B 226 -10.49 20.99 21.12
C THR B 226 -10.02 20.03 22.19
N LYS B 227 -9.76 20.55 23.38
CA LYS B 227 -9.36 19.76 24.54
C LYS B 227 -10.40 19.96 25.64
N VAL B 228 -11.22 18.94 25.87
CA VAL B 228 -12.31 19.00 26.84
C VAL B 228 -12.08 17.94 27.89
N ASP B 229 -12.06 18.35 29.17
CA ASP B 229 -11.97 17.44 30.30
C ASP B 229 -13.27 17.50 31.07
N LYS B 230 -13.95 16.35 31.20
CA LYS B 230 -15.26 16.28 31.83
C LYS B 230 -15.24 15.22 32.91
N LYS B 231 -15.76 15.56 34.09
CA LYS B 231 -15.83 14.64 35.21
C LYS B 231 -17.13 13.86 35.17
N VAL B 232 -17.08 12.63 35.66
CA VAL B 232 -18.24 11.74 35.71
C VAL B 232 -18.54 11.39 37.16
N GLU B 233 -19.82 11.42 37.53
CA GLU B 233 -20.27 11.13 38.87
C GLU B 233 -21.49 10.22 38.81
N PRO B 234 -21.66 9.34 39.81
CA PRO B 234 -22.86 8.49 39.84
C PRO B 234 -24.12 9.24 40.25
N ASP C 1 -16.45 -9.39 -13.14
CA ASP C 1 -16.67 -10.52 -14.04
C ASP C 1 -17.03 -11.78 -13.25
N ILE C 2 -16.23 -12.10 -12.23
CA ILE C 2 -16.43 -13.27 -11.40
C ILE C 2 -16.35 -12.86 -9.93
N VAL C 3 -16.81 -13.78 -9.07
CA VAL C 3 -16.81 -13.57 -7.62
C VAL C 3 -16.09 -14.75 -6.97
N LEU C 4 -15.16 -14.45 -6.06
CA LEU C 4 -14.43 -15.47 -5.32
C LEU C 4 -15.00 -15.56 -3.91
N THR C 5 -15.41 -16.77 -3.52
CA THR C 5 -16.04 -17.01 -2.24
C THR C 5 -15.14 -17.90 -1.37
N GLN C 6 -15.13 -17.62 -0.07
CA GLN C 6 -14.37 -18.39 0.89
C GLN C 6 -15.34 -19.17 1.77
N SER C 7 -15.14 -20.49 1.85
CA SER C 7 -15.99 -21.33 2.70
C SER C 7 -15.93 -21.00 4.19
N PRO C 8 -14.74 -20.91 4.87
CA PRO C 8 -14.79 -20.71 6.33
C PRO C 8 -14.94 -19.23 6.69
N LEU C 9 -16.09 -18.89 7.29
CA LEU C 9 -16.30 -17.52 7.73
C LEU C 9 -15.48 -17.19 8.97
N SER C 10 -15.45 -18.11 9.95
CA SER C 10 -14.70 -17.90 11.17
C SER C 10 -14.45 -19.25 11.82
N LEU C 11 -13.18 -19.58 12.04
CA LEU C 11 -12.82 -20.82 12.72
C LEU C 11 -11.75 -20.53 13.77
N PRO C 12 -11.80 -21.21 14.91
CA PRO C 12 -10.73 -21.06 15.92
C PRO C 12 -9.43 -21.71 15.45
N VAL C 13 -8.33 -21.18 15.95
CA VAL C 13 -7.01 -21.67 15.61
C VAL C 13 -6.22 -21.91 16.90
N THR C 14 -5.25 -22.81 16.80
CA THR C 14 -4.36 -23.15 17.90
C THR C 14 -2.94 -23.26 17.35
N PRO C 15 -1.93 -22.94 18.16
CA PRO C 15 -0.54 -23.13 17.70
C PRO C 15 -0.13 -24.59 17.56
N GLY C 16 -0.87 -25.52 18.15
CA GLY C 16 -0.51 -26.92 18.06
C GLY C 16 -0.66 -27.50 16.66
N GLU C 17 -1.70 -27.11 15.95
CA GLU C 17 -2.00 -27.67 14.64
C GLU C 17 -2.22 -26.55 13.62
N PRO C 18 -1.85 -26.79 12.37
CA PRO C 18 -2.09 -25.78 11.33
C PRO C 18 -3.57 -25.65 11.01
N ALA C 19 -3.93 -24.48 10.48
CA ALA C 19 -5.30 -24.19 10.07
C ALA C 19 -5.50 -24.60 8.62
N SER C 20 -6.69 -24.31 8.08
CA SER C 20 -7.01 -24.66 6.69
C SER C 20 -8.07 -23.70 6.19
N ILE C 21 -7.75 -22.95 5.14
CA ILE C 21 -8.68 -22.03 4.49
C ILE C 21 -8.70 -22.34 3.00
N SER C 22 -9.83 -22.01 2.36
CA SER C 22 -10.01 -22.29 0.94
C SER C 22 -10.70 -21.12 0.26
N CYS C 23 -10.36 -20.92 -1.01
CA CYS C 23 -10.99 -19.93 -1.86
C CYS C 23 -11.58 -20.62 -3.07
N ARG C 24 -12.86 -20.35 -3.34
CA ARG C 24 -13.59 -21.01 -4.42
C ARG C 24 -13.75 -20.06 -5.60
N SER C 25 -13.35 -20.53 -6.78
CA SER C 25 -13.48 -19.78 -8.01
C SER C 25 -14.55 -20.41 -8.90
N SER C 26 -14.87 -19.71 -9.99
CA SER C 26 -15.87 -20.17 -10.93
C SER C 26 -15.34 -20.36 -12.34
N GLN C 27 -14.04 -20.09 -12.57
CA GLN C 27 -13.44 -20.25 -13.89
C GLN C 27 -12.11 -20.96 -13.75
N SER C 28 -11.71 -21.66 -14.81
CA SER C 28 -10.44 -22.38 -14.81
C SER C 28 -9.28 -21.40 -14.88
N LEU C 29 -8.30 -21.59 -14.00
CA LEU C 29 -7.12 -20.71 -13.94
C LEU C 29 -5.84 -21.47 -14.25
N LEU C 30 -5.94 -22.62 -14.93
CA LEU C 30 -4.75 -23.38 -15.28
C LEU C 30 -3.92 -22.68 -16.35
N ARG C 31 -4.59 -22.16 -17.38
CA ARG C 31 -3.99 -21.43 -18.53
C ARG C 31 -2.99 -22.36 -19.21
N SER C 32 -1.75 -21.96 -19.41
CA SER C 32 -0.74 -22.77 -20.08
C SER C 32 0.33 -23.21 -19.09
N ASN C 33 0.93 -24.38 -19.38
CA ASN C 33 1.99 -25.01 -18.60
C ASN C 33 1.60 -25.24 -17.13
N GLY C 34 0.31 -25.38 -16.85
CA GLY C 34 -0.14 -25.66 -15.49
C GLY C 34 0.08 -24.54 -14.51
N TYR C 35 0.24 -23.30 -14.97
CA TYR C 35 0.53 -22.17 -14.10
C TYR C 35 -0.77 -21.64 -13.52
N ASN C 36 -1.08 -22.06 -12.30
CA ASN C 36 -2.27 -21.56 -11.61
C ASN C 36 -2.03 -20.13 -11.14
N TYR C 37 -3.03 -19.27 -11.37
CA TYR C 37 -2.94 -17.86 -11.03
C TYR C 37 -3.86 -17.59 -9.84
N LEU C 38 -3.34 -17.78 -8.64
CA LEU C 38 -4.08 -17.48 -7.42
C LEU C 38 -3.08 -17.24 -6.30
N ASP C 39 -3.24 -16.11 -5.60
CA ASP C 39 -2.34 -15.69 -4.55
C ASP C 39 -2.99 -15.88 -3.19
N TRP C 40 -2.21 -15.60 -2.14
CA TRP C 40 -2.71 -15.55 -0.77
C TRP C 40 -2.01 -14.42 -0.04
N TYR C 41 -2.78 -13.65 0.73
CA TYR C 41 -2.27 -12.49 1.43
C TYR C 41 -2.53 -12.61 2.92
N LEU C 42 -1.63 -12.03 3.71
CA LEU C 42 -1.78 -11.94 5.16
C LEU C 42 -1.72 -10.47 5.55
N GLN C 43 -2.75 -9.99 6.24
CA GLN C 43 -2.86 -8.59 6.62
C GLN C 43 -2.83 -8.48 8.15
N LYS C 44 -1.83 -7.77 8.66
CA LYS C 44 -1.77 -7.48 10.08
C LYS C 44 -2.76 -6.36 10.42
N PRO C 45 -3.26 -6.31 11.66
CA PRO C 45 -4.18 -5.22 12.05
C PRO C 45 -3.47 -3.88 12.07
N GLY C 46 -3.98 -2.95 11.28
CA GLY C 46 -3.40 -1.61 11.18
C GLY C 46 -2.06 -1.56 10.48
N GLN C 47 -1.77 -2.52 9.61
CA GLN C 47 -0.52 -2.56 8.88
C GLN C 47 -0.79 -2.87 7.43
N SER C 48 0.19 -2.54 6.58
CA SER C 48 0.07 -2.80 5.15
C SER C 48 0.24 -4.29 4.87
N PRO C 49 -0.68 -4.91 4.13
CA PRO C 49 -0.53 -6.34 3.82
C PRO C 49 0.64 -6.59 2.88
N HIS C 50 1.19 -7.80 2.99
CA HIS C 50 2.32 -8.23 2.18
C HIS C 50 1.98 -9.55 1.48
N LEU C 51 2.98 -10.14 0.84
CA LEU C 51 2.80 -11.36 0.05
C LEU C 51 3.50 -12.53 0.74
N LEU C 52 2.76 -13.63 0.91
CA LEU C 52 3.32 -14.85 1.48
C LEU C 52 3.34 -16.00 0.48
N ILE C 53 2.19 -16.35 -0.09
CA ILE C 53 2.07 -17.45 -1.05
C ILE C 53 1.52 -16.89 -2.35
N TYR C 54 2.20 -17.20 -3.45
CA TYR C 54 1.85 -16.65 -4.76
C TYR C 54 1.92 -17.76 -5.81
N LEU C 55 1.14 -17.55 -6.89
CA LEU C 55 1.10 -18.44 -8.06
C LEU C 55 0.72 -19.86 -7.67
N GLY C 56 -0.21 -20.00 -6.73
CA GLY C 56 -0.69 -21.30 -6.33
C GLY C 56 0.25 -22.03 -5.38
N SER C 57 0.91 -23.07 -5.88
CA SER C 57 1.77 -23.91 -5.05
C SER C 57 3.14 -23.28 -4.80
N ASN C 58 3.53 -22.26 -5.56
CA ASN C 58 4.82 -21.62 -5.36
C ASN C 58 4.82 -20.79 -4.09
N ARG C 59 6.01 -20.54 -3.55
CA ARG C 59 6.19 -19.76 -2.34
C ARG C 59 7.09 -18.57 -2.61
N ALA C 60 6.85 -17.50 -1.84
CA ALA C 60 7.61 -16.26 -1.97
C ALA C 60 8.53 -16.09 -0.77
N SER C 61 9.21 -14.95 -0.73
CA SER C 61 10.15 -14.66 0.35
C SER C 61 9.40 -14.25 1.61
N GLY C 62 10.08 -14.40 2.75
CA GLY C 62 9.53 -14.04 4.03
C GLY C 62 8.61 -15.07 4.65
N VAL C 63 8.48 -16.25 4.05
CA VAL C 63 7.61 -17.30 4.56
C VAL C 63 8.22 -17.89 5.84
N PRO C 64 7.40 -18.33 6.80
CA PRO C 64 7.94 -19.02 7.98
C PRO C 64 8.05 -20.52 7.77
N ASP C 65 7.96 -20.96 6.50
CA ASP C 65 8.00 -22.37 6.09
C ASP C 65 6.89 -23.19 6.77
N ARG C 66 5.74 -22.56 6.95
CA ARG C 66 4.57 -23.22 7.52
C ARG C 66 3.34 -23.13 6.62
N PHE C 67 3.11 -21.98 6.00
CA PHE C 67 1.96 -21.79 5.11
C PHE C 67 2.30 -22.37 3.74
N SER C 68 2.19 -23.69 3.64
CA SER C 68 2.49 -24.37 2.39
C SER C 68 1.37 -24.14 1.38
N GLY C 69 1.76 -23.92 0.12
CA GLY C 69 0.79 -23.71 -0.94
C GLY C 69 0.38 -24.98 -1.65
N SER C 70 -0.90 -25.32 -1.57
CA SER C 70 -1.45 -26.51 -2.21
C SER C 70 -2.70 -26.14 -2.97
N GLY C 71 -2.88 -26.75 -4.15
CA GLY C 71 -4.06 -26.49 -4.95
C GLY C 71 -3.83 -26.74 -6.43
N SER C 72 -4.87 -27.22 -7.11
CA SER C 72 -4.80 -27.47 -8.54
C SER C 72 -6.18 -27.23 -9.15
N GLY C 73 -6.20 -26.68 -10.36
CA GLY C 73 -7.44 -26.36 -11.03
C GLY C 73 -8.20 -25.23 -10.38
N THR C 74 -9.46 -25.49 -10.02
CA THR C 74 -10.31 -24.49 -9.39
C THR C 74 -10.42 -24.68 -7.88
N ASP C 75 -9.63 -25.58 -7.30
CA ASP C 75 -9.66 -25.85 -5.87
C ASP C 75 -8.31 -25.50 -5.27
N PHE C 76 -8.34 -24.72 -4.18
CA PHE C 76 -7.13 -24.32 -3.48
C PHE C 76 -7.36 -24.48 -1.98
N THR C 77 -6.28 -24.82 -1.27
CA THR C 77 -6.35 -25.02 0.18
C THR C 77 -4.99 -24.72 0.78
N LEU C 78 -4.95 -23.78 1.72
CA LEU C 78 -3.71 -23.43 2.40
C LEU C 78 -3.38 -24.43 3.50
N GLY C 89 -5.09 -12.11 11.79
CA GLY C 89 -5.52 -11.13 10.82
C GLY C 89 -6.52 -11.69 9.82
N VAL C 90 -6.57 -11.07 8.64
CA VAL C 90 -7.48 -11.48 7.57
C VAL C 90 -6.67 -11.99 6.40
N TYR C 91 -7.30 -12.82 5.57
CA TYR C 91 -6.66 -13.44 4.43
C TYR C 91 -7.48 -13.17 3.17
N TYR C 92 -6.76 -13.06 2.05
CA TYR C 92 -7.37 -12.75 0.76
C TYR C 92 -6.75 -13.63 -0.31
N CYS C 93 -7.48 -13.82 -1.40
CA CYS C 93 -7.01 -14.56 -2.56
C CYS C 93 -7.18 -13.72 -3.81
N MET C 94 -6.34 -13.98 -4.81
CA MET C 94 -6.30 -13.19 -6.04
C MET C 94 -6.75 -14.02 -7.24
N GLN C 95 -7.40 -13.34 -8.18
CA GLN C 95 -7.71 -13.91 -9.49
C GLN C 95 -6.97 -13.09 -10.54
N ALA C 96 -6.14 -13.76 -11.34
CA ALA C 96 -5.29 -13.06 -12.28
C ALA C 96 -5.56 -13.49 -13.72
N LEU C 97 -6.84 -13.58 -14.09
CA LEU C 97 -7.24 -13.92 -15.44
C LEU C 97 -7.91 -12.77 -16.18
N GLN C 98 -8.79 -12.04 -15.52
CA GLN C 98 -9.49 -10.90 -16.11
C GLN C 98 -9.09 -9.61 -15.38
N THR C 99 -9.65 -8.50 -15.86
CA THR C 99 -9.37 -7.21 -15.24
C THR C 99 -9.82 -7.06 -13.78
N PRO C 100 -11.01 -7.49 -13.33
CA PRO C 100 -11.32 -7.32 -11.90
C PRO C 100 -10.55 -8.32 -11.04
N TYR C 101 -9.88 -7.79 -10.02
CA TYR C 101 -9.16 -8.62 -9.06
C TYR C 101 -10.03 -8.79 -7.82
N THR C 102 -10.76 -9.89 -7.77
CA THR C 102 -11.63 -10.17 -6.63
C THR C 102 -10.80 -10.61 -5.43
N PHE C 103 -11.19 -10.14 -4.25
CA PHE C 103 -10.49 -10.41 -3.00
C PHE C 103 -11.34 -11.32 -2.10
N GLY C 104 -10.83 -11.59 -0.91
CA GLY C 104 -11.56 -12.37 0.08
C GLY C 104 -12.50 -11.50 0.90
N GLN C 105 -13.60 -12.09 1.34
CA GLN C 105 -14.65 -11.35 2.04
C GLN C 105 -14.38 -11.23 3.53
N GLY C 106 -14.39 -12.36 4.24
CA GLY C 106 -14.51 -12.32 5.69
C GLY C 106 -13.72 -13.33 6.50
N THR C 107 -12.49 -13.68 6.07
CA THR C 107 -11.73 -14.79 6.65
C THR C 107 -11.50 -14.63 8.15
N ASN C 108 -10.75 -13.61 8.57
CA ASN C 108 -10.59 -13.20 9.96
C ASN C 108 -10.18 -14.32 10.91
N LEU C 109 -8.97 -14.86 10.74
CA LEU C 109 -8.47 -15.95 11.59
C LEU C 109 -8.25 -15.43 13.01
N GLU C 110 -8.94 -16.05 13.96
CA GLU C 110 -8.85 -15.68 15.37
C GLU C 110 -8.44 -16.89 16.20
N ILE C 111 -7.99 -16.65 17.43
CA ILE C 111 -7.50 -17.75 18.25
C ILE C 111 -8.58 -18.48 19.04
N LYS C 112 -8.33 -19.76 19.32
CA LYS C 112 -9.28 -20.53 20.10
C LYS C 112 -9.27 -20.03 21.54
N ARG C 113 -10.46 -19.81 22.10
CA ARG C 113 -10.56 -19.32 23.46
C ARG C 113 -11.58 -20.13 24.24
N THR C 114 -11.41 -20.17 25.56
CA THR C 114 -12.36 -20.84 26.44
C THR C 114 -13.68 -20.08 26.44
N VAL C 115 -14.79 -20.81 26.53
CA VAL C 115 -16.12 -20.21 26.54
C VAL C 115 -16.31 -19.44 27.83
N ALA C 116 -16.63 -18.15 27.71
CA ALA C 116 -16.78 -17.27 28.87
C ALA C 116 -18.13 -16.60 28.83
N ALA C 117 -18.79 -16.53 29.99
CA ALA C 117 -20.08 -15.86 30.07
C ALA C 117 -19.90 -14.35 29.96
N PRO C 118 -20.71 -13.68 29.15
CA PRO C 118 -20.57 -12.23 29.00
C PRO C 118 -21.22 -11.47 30.15
N SER C 119 -20.90 -10.18 30.21
CA SER C 119 -21.36 -9.30 31.27
C SER C 119 -22.23 -8.18 30.69
N VAL C 120 -23.54 -8.29 30.87
CA VAL C 120 -24.48 -7.30 30.34
C VAL C 120 -24.49 -6.09 31.26
N PHE C 121 -24.42 -4.90 30.66
CA PHE C 121 -24.41 -3.66 31.41
C PHE C 121 -25.25 -2.62 30.66
N ILE C 122 -25.82 -1.68 31.42
CA ILE C 122 -26.67 -0.63 30.85
C ILE C 122 -26.31 0.70 31.49
N PHE C 123 -26.33 1.76 30.69
CA PHE C 123 -26.12 3.13 31.18
C PHE C 123 -27.30 4.00 30.78
N PRO C 124 -28.05 4.54 31.75
CA PRO C 124 -29.11 5.49 31.40
C PRO C 124 -28.52 6.78 30.86
N PRO C 125 -29.23 7.48 29.99
CA PRO C 125 -28.72 8.77 29.48
C PRO C 125 -28.70 9.83 30.56
N SER C 126 -27.72 10.72 30.46
CA SER C 126 -27.55 11.78 31.44
C SER C 126 -28.59 12.88 31.24
N ASP C 127 -28.73 13.74 32.25
CA ASP C 127 -29.65 14.86 32.18
C ASP C 127 -29.21 15.91 31.18
N GLU C 128 -27.91 16.00 30.88
CA GLU C 128 -27.44 16.93 29.86
C GLU C 128 -27.88 16.50 28.47
N GLN C 129 -27.92 15.19 28.22
CA GLN C 129 -28.36 14.68 26.93
C GLN C 129 -29.87 14.78 26.73
N LEU C 130 -30.63 14.90 27.82
CA LEU C 130 -32.08 14.98 27.71
C LEU C 130 -32.52 16.30 27.10
N LYS C 131 -31.83 17.40 27.44
CA LYS C 131 -32.18 18.70 26.92
C LYS C 131 -31.67 18.94 25.50
N SER C 132 -30.83 18.06 24.97
CA SER C 132 -30.32 18.21 23.62
C SER C 132 -31.30 17.70 22.56
N GLY C 133 -32.40 17.07 22.97
CA GLY C 133 -33.38 16.56 22.02
C GLY C 133 -33.09 15.17 21.51
N THR C 134 -31.96 14.57 21.84
CA THR C 134 -31.61 13.24 21.40
C THR C 134 -31.20 12.40 22.61
N ALA C 135 -31.80 11.23 22.74
CA ALA C 135 -31.52 10.32 23.85
C ALA C 135 -30.79 9.09 23.32
N SER C 136 -29.62 8.82 23.89
CA SER C 136 -28.80 7.69 23.49
C SER C 136 -28.55 6.81 24.70
N VAL C 137 -28.87 5.52 24.57
CA VAL C 137 -28.62 4.54 25.61
C VAL C 137 -27.87 3.37 25.00
N VAL C 138 -26.79 2.94 25.66
CA VAL C 138 -25.91 1.90 25.15
C VAL C 138 -25.88 0.75 26.15
N CYS C 139 -26.22 -0.44 25.68
CA CYS C 139 -26.10 -1.67 26.45
C CYS C 139 -25.04 -2.54 25.80
N LEU C 140 -23.98 -2.85 26.54
CA LEU C 140 -22.85 -3.57 25.99
C LEU C 140 -22.56 -4.80 26.83
N LEU C 141 -21.57 -5.58 26.36
CA LEU C 141 -21.18 -6.84 26.95
C LEU C 141 -19.73 -7.14 26.59
N ASN C 142 -19.06 -7.92 27.45
CA ASN C 142 -17.59 -7.98 27.45
C ASN C 142 -17.09 -9.40 27.69
N ASN C 143 -15.84 -9.65 27.32
CA ASN C 143 -15.24 -10.97 27.58
C ASN C 143 -16.16 -12.13 27.26
N PHE C 144 -16.30 -12.45 25.99
CA PHE C 144 -17.14 -13.57 25.58
C PHE C 144 -16.72 -14.03 24.19
N TYR C 145 -16.79 -15.32 23.94
CA TYR C 145 -16.46 -15.84 22.62
C TYR C 145 -17.14 -14.98 21.55
N PRO C 146 -16.48 -14.77 20.40
CA PRO C 146 -17.17 -13.88 19.44
C PRO C 146 -18.47 -14.43 18.87
N ARG C 147 -19.04 -13.67 17.92
CA ARG C 147 -20.24 -14.04 17.16
C ARG C 147 -21.49 -14.17 18.04
N GLU C 148 -21.89 -13.05 18.64
CA GLU C 148 -23.21 -12.91 19.27
C GLU C 148 -23.86 -11.60 18.87
N ALA C 149 -23.90 -11.30 17.56
CA ALA C 149 -24.46 -10.04 17.08
C ALA C 149 -25.98 -10.03 17.06
N LYS C 150 -26.65 -10.98 17.72
CA LYS C 150 -28.10 -11.02 17.78
C LYS C 150 -28.64 -10.23 18.96
N VAL C 151 -27.84 -9.30 19.49
CA VAL C 151 -28.28 -8.43 20.57
C VAL C 151 -29.37 -7.50 20.05
N GLN C 152 -30.50 -7.45 20.76
CA GLN C 152 -31.66 -6.68 20.32
C GLN C 152 -32.07 -5.72 21.42
N TRP C 153 -32.62 -4.58 21.01
CA TRP C 153 -33.13 -3.56 21.92
C TRP C 153 -34.65 -3.68 22.00
N LYS C 154 -35.17 -3.77 23.23
CA LYS C 154 -36.59 -3.96 23.46
C LYS C 154 -37.12 -2.83 24.33
N VAL C 155 -38.29 -2.31 23.97
CA VAL C 155 -38.95 -1.22 24.70
C VAL C 155 -40.39 -1.64 24.94
N ASP C 156 -40.72 -1.90 26.21
CA ASP C 156 -42.07 -2.28 26.65
C ASP C 156 -42.60 -3.50 25.89
N ASN C 157 -41.76 -4.55 25.86
CA ASN C 157 -42.07 -5.82 25.20
C ASN C 157 -42.39 -5.64 23.71
N ALA C 158 -41.62 -4.78 23.05
CA ALA C 158 -41.74 -4.56 21.61
C ALA C 158 -40.36 -4.60 20.97
N LEU C 159 -40.29 -5.14 19.76
CA LEU C 159 -39.02 -5.28 19.05
C LEU C 159 -38.86 -4.12 18.07
N GLN C 160 -37.69 -3.49 18.10
CA GLN C 160 -37.35 -2.38 17.21
C GLN C 160 -36.10 -2.72 16.42
N SER C 161 -36.10 -2.36 15.14
CA SER C 161 -34.99 -2.65 14.24
C SER C 161 -34.66 -1.42 13.41
N GLY C 162 -33.43 -1.38 12.92
CA GLY C 162 -32.96 -0.27 12.10
C GLY C 162 -32.43 0.93 12.86
N ASN C 163 -32.34 0.85 14.19
CA ASN C 163 -31.84 1.96 15.00
C ASN C 163 -30.73 1.54 15.95
N SER C 164 -30.18 0.33 15.79
CA SER C 164 -29.12 -0.17 16.65
C SER C 164 -27.88 -0.43 15.83
N GLN C 165 -26.74 0.08 16.32
CA GLN C 165 -25.44 -0.11 15.67
C GLN C 165 -24.50 -0.85 16.59
N GLU C 166 -23.71 -1.77 16.02
CA GLU C 166 -22.80 -2.63 16.79
C GLU C 166 -21.38 -2.41 16.30
N SER C 167 -20.44 -2.34 17.24
CA SER C 167 -19.02 -2.11 16.94
C SER C 167 -18.22 -3.24 17.58
N VAL C 168 -17.23 -3.75 16.84
CA VAL C 168 -16.42 -4.87 17.30
C VAL C 168 -14.96 -4.43 17.35
N THR C 169 -14.32 -4.65 18.50
CA THR C 169 -12.92 -4.34 18.69
C THR C 169 -12.04 -5.49 18.19
N GLU C 170 -10.73 -5.24 18.12
CA GLU C 170 -9.80 -6.24 17.61
C GLU C 170 -9.34 -7.17 18.72
N GLN C 171 -8.36 -8.02 18.40
CA GLN C 171 -7.87 -9.02 19.33
C GLN C 171 -6.78 -8.43 20.21
N ASP C 172 -6.96 -8.53 21.53
CA ASP C 172 -5.97 -8.05 22.47
C ASP C 172 -4.96 -9.15 22.79
N SER C 173 -3.83 -8.75 23.37
CA SER C 173 -2.76 -9.67 23.71
C SER C 173 -2.69 -9.97 25.20
N LYS C 174 -3.62 -9.45 26.00
CA LYS C 174 -3.60 -9.68 27.45
C LYS C 174 -4.33 -10.97 27.81
N ASP C 175 -5.62 -11.06 27.47
CA ASP C 175 -6.40 -12.26 27.73
C ASP C 175 -7.19 -12.74 26.52
N SER C 176 -7.03 -12.08 25.36
CA SER C 176 -7.67 -12.47 24.10
C SER C 176 -9.19 -12.51 24.22
N THR C 177 -9.77 -11.42 24.71
CA THR C 177 -11.22 -11.32 24.89
C THR C 177 -11.74 -10.09 24.14
N TYR C 178 -12.80 -10.29 23.36
CA TYR C 178 -13.42 -9.20 22.63
C TYR C 178 -14.34 -8.39 23.54
N SER C 179 -14.92 -7.34 22.97
CA SER C 179 -15.90 -6.51 23.67
C SER C 179 -16.73 -5.77 22.63
N LEU C 180 -18.04 -6.04 22.60
CA LEU C 180 -18.93 -5.42 21.63
C LEU C 180 -19.84 -4.42 22.32
N SER C 181 -20.02 -3.26 21.68
CA SER C 181 -20.91 -2.22 22.18
C SER C 181 -22.05 -2.02 21.19
N SER C 182 -23.27 -2.05 21.71
CA SER C 182 -24.48 -1.87 20.91
C SER C 182 -25.15 -0.58 21.34
N THR C 183 -25.13 0.43 20.47
CA THR C 183 -25.70 1.73 20.77
C THR C 183 -27.10 1.85 20.18
N LEU C 184 -27.95 2.61 20.87
CA LEU C 184 -29.32 2.84 20.43
C LEU C 184 -29.62 4.33 20.57
N THR C 185 -30.18 4.92 19.52
CA THR C 185 -30.41 6.36 19.45
C THR C 185 -31.87 6.64 19.11
N LEU C 186 -32.53 7.42 19.96
CA LEU C 186 -33.87 7.93 19.71
C LEU C 186 -33.91 9.42 20.01
N SER C 187 -34.99 10.07 19.56
CA SER C 187 -35.22 11.46 19.87
C SER C 187 -35.85 11.61 21.26
N LYS C 188 -36.03 12.85 21.68
CA LYS C 188 -36.62 13.10 22.99
C LYS C 188 -38.11 12.78 23.01
N ALA C 189 -38.80 12.98 21.88
CA ALA C 189 -40.24 12.69 21.82
C ALA C 189 -40.51 11.21 21.96
N ASP C 190 -39.70 10.36 21.32
CA ASP C 190 -39.87 8.92 21.45
C ASP C 190 -39.34 8.39 22.79
N TYR C 191 -38.50 9.15 23.48
CA TYR C 191 -37.97 8.73 24.77
C TYR C 191 -38.88 9.12 25.93
N GLU C 192 -39.58 10.25 25.83
CA GLU C 192 -40.48 10.68 26.90
C GLU C 192 -41.78 9.90 26.93
N LYS C 193 -42.12 9.17 25.88
CA LYS C 193 -43.34 8.39 25.83
C LYS C 193 -43.17 6.96 26.37
N HIS C 194 -41.96 6.59 26.77
CA HIS C 194 -41.69 5.26 27.30
C HIS C 194 -40.82 5.37 28.55
N LYS C 195 -40.92 4.36 29.40
CA LYS C 195 -40.18 4.33 30.66
C LYS C 195 -39.33 3.09 30.86
N VAL C 196 -39.73 1.95 30.31
CA VAL C 196 -39.02 0.69 30.49
C VAL C 196 -38.17 0.43 29.25
N TYR C 197 -36.86 0.30 29.45
CA TYR C 197 -35.92 0.00 28.38
C TYR C 197 -35.07 -1.19 28.81
N ALA C 198 -34.94 -2.17 27.92
CA ALA C 198 -34.22 -3.39 28.24
C ALA C 198 -33.50 -3.91 27.00
N CYS C 199 -32.37 -4.58 27.22
CA CYS C 199 -31.60 -5.22 26.17
C CYS C 199 -31.47 -6.71 26.46
N GLU C 200 -31.41 -7.52 25.41
CA GLU C 200 -31.31 -8.97 25.54
C GLU C 200 -29.90 -9.40 25.16
N VAL C 201 -29.30 -10.23 26.00
CA VAL C 201 -27.96 -10.76 25.77
C VAL C 201 -28.06 -12.28 25.68
N THR C 202 -27.52 -12.84 24.60
CA THR C 202 -27.55 -14.27 24.37
C THR C 202 -26.13 -14.78 24.12
N HIS C 203 -25.95 -16.08 24.35
CA HIS C 203 -24.64 -16.70 24.20
C HIS C 203 -24.82 -18.20 24.01
N GLN C 204 -23.80 -18.82 23.41
CA GLN C 204 -23.78 -20.27 23.28
C GLN C 204 -23.34 -20.96 24.56
N GLY C 205 -22.71 -20.23 25.48
CA GLY C 205 -22.34 -20.73 26.79
C GLY C 205 -23.36 -20.50 27.88
N LEU C 206 -24.50 -19.91 27.54
CA LEU C 206 -25.56 -19.63 28.51
C LEU C 206 -26.74 -20.55 28.25
N SER C 207 -27.22 -21.21 29.30
CA SER C 207 -28.38 -22.08 29.17
C SER C 207 -29.64 -21.27 28.87
N SER C 208 -29.80 -20.12 29.52
CA SER C 208 -30.93 -19.23 29.30
C SER C 208 -30.44 -17.81 29.10
N PRO C 209 -31.15 -17.03 28.28
CA PRO C 209 -30.78 -15.62 28.10
C PRO C 209 -31.01 -14.82 29.37
N VAL C 210 -30.18 -13.78 29.54
CA VAL C 210 -30.26 -12.90 30.71
C VAL C 210 -30.95 -11.60 30.30
N THR C 211 -31.88 -11.15 31.13
CA THR C 211 -32.65 -9.94 30.86
C THR C 211 -32.24 -8.86 31.87
N LYS C 212 -31.87 -7.69 31.35
CA LYS C 212 -31.48 -6.55 32.18
C LYS C 212 -32.34 -5.36 31.79
N SER C 213 -33.02 -4.78 32.78
CA SER C 213 -33.98 -3.71 32.53
C SER C 213 -33.79 -2.60 33.56
N PHE C 214 -34.26 -1.41 33.19
CA PHE C 214 -34.23 -0.26 34.10
C PHE C 214 -35.39 0.66 33.75
N ASN C 215 -35.73 1.53 34.68
CA ASN C 215 -36.83 2.47 34.54
C ASN C 215 -36.32 3.90 34.76
N ARG C 216 -37.03 4.85 34.14
CA ARG C 216 -36.69 6.26 34.27
C ARG C 216 -37.27 6.82 35.57
N GLY C 217 -36.44 7.56 36.31
CA GLY C 217 -36.88 8.13 37.57
C GLY C 217 -35.78 8.15 38.62
N GLU C 218 -34.65 7.51 38.33
CA GLU C 218 -33.53 7.48 39.25
C GLU C 218 -32.26 7.90 38.53
N CYS C 219 -31.29 8.37 39.29
CA CYS C 219 -30.01 8.82 38.74
C CYS C 219 -29.15 7.64 38.32
#